data_3WE6
#
_entry.id   3WE6
#
_cell.length_a   90.890
_cell.length_b   141.525
_cell.length_c   40.260
_cell.angle_alpha   90.00
_cell.angle_beta   90.00
_cell.angle_gamma   90.00
#
_symmetry.space_group_name_H-M   'P 21 21 2'
#
loop_
_entity.id
_entity.type
_entity.pdbx_description
1 polymer 'mAb Fab H fragment'
2 polymer 'mAb Fab L fragment'
3 non-polymer 'ISOPROPYL ALCOHOL'
4 water water
#
loop_
_entity_poly.entity_id
_entity_poly.type
_entity_poly.pdbx_seq_one_letter_code
_entity_poly.pdbx_strand_id
1 'polypeptide(L)'
;KVQLQQSGAELVKPGASVKLSCKASGYTFTEYFIHWVKQRSGQGLEWIGWFYPGSGSLNYNGKFKDKATFTADKSSSTVY
LELSRLTSEDSAVYFCASHAYDKEPYWGQGTLVTVSAAKTTPPSVYPLAPGSAAQTNSMVTLGCLVKGYFPEPVTVTWNS
GSLSSGVHTFPAVLQSDLYTLSSSVTVPSSTWPSETVTCNVAHPASSTKVDKKIVPRD
;
A
2 'polypeptide(L)'
;DVLMTQTPLSLPVSLGDQASISCRSSQSIVHSNGNTYLEWYLQKPGQSPKLLIYKVSNRFSGVPDRFSGSGSGTDFTLKI
NRVEAEDLGIYYCLQGSHVPLTFGAGTTLELKRADAAPTVSIFPPSSEQLTSGGASVVCFLNNFYPKDINVKWKIDGSER
QNGVLNSWTDQDSKDSTYSMSSTLTLTKDEYERHNSYTCEATHKTSTSPIVKSFNRN
;
B
#
# COMPACT_ATOMS: atom_id res chain seq x y z
N VAL A 2 -3.65 9.12 27.52
CA VAL A 2 -4.60 9.50 26.48
C VAL A 2 -4.76 8.39 25.44
N GLN A 3 -5.99 7.96 25.22
CA GLN A 3 -6.28 6.93 24.22
C GLN A 3 -7.42 7.34 23.29
N LEU A 4 -7.19 7.19 21.99
CA LEU A 4 -8.21 7.47 20.98
C LEU A 4 -8.80 6.16 20.46
N GLN A 5 -10.12 6.08 20.45
CA GLN A 5 -10.81 4.88 19.99
C GLN A 5 -11.69 5.22 18.80
N GLN A 6 -11.44 4.57 17.68
CA GLN A 6 -12.20 4.83 16.44
C GLN A 6 -13.18 3.71 16.13
N SER A 7 -14.21 4.03 15.36
CA SER A 7 -15.22 3.06 14.98
C SER A 7 -14.70 2.09 13.93
N GLY A 8 -15.43 1.00 13.73
CA GLY A 8 -15.00 -0.09 12.87
C GLY A 8 -15.09 0.16 11.38
N ALA A 9 -14.53 -0.78 10.62
CA ALA A 9 -14.46 -0.67 9.16
C ALA A 9 -15.83 -0.51 8.51
N GLU A 10 -15.90 0.26 7.43
CA GLU A 10 -17.15 0.51 6.74
C GLU A 10 -17.10 0.09 5.27
N LEU A 11 -18.13 -0.60 4.84
CA LEU A 11 -18.34 -0.87 3.42
C LEU A 11 -19.64 -0.20 3.00
N VAL A 12 -19.55 0.77 2.09
CA VAL A 12 -20.71 1.56 1.73
C VAL A 12 -20.78 1.83 0.24
N LYS A 13 -21.96 2.16 -0.25
CA LYS A 13 -22.20 2.30 -1.68
C LYS A 13 -22.04 3.75 -2.12
N PRO A 14 -21.60 3.97 -3.36
CA PRO A 14 -21.44 5.32 -3.88
C PRO A 14 -22.75 6.12 -3.80
N GLY A 15 -22.64 7.44 -3.61
CA GLY A 15 -23.80 8.28 -3.42
C GLY A 15 -24.24 8.38 -1.98
N ALA A 16 -23.96 7.34 -1.19
CA ALA A 16 -24.39 7.34 0.20
C ALA A 16 -23.49 8.23 1.04
N SER A 17 -23.72 8.21 2.35
CA SER A 17 -22.90 8.97 3.27
C SER A 17 -22.54 8.05 4.42
N VAL A 18 -21.44 8.33 5.09
CA VAL A 18 -21.01 7.50 6.20
C VAL A 18 -20.53 8.37 7.36
N LYS A 19 -20.71 7.86 8.57
CA LYS A 19 -20.45 8.63 9.78
C LYS A 19 -19.46 7.89 10.64
N LEU A 20 -18.25 8.43 10.75
CA LEU A 20 -17.19 7.77 11.51
C LEU A 20 -17.09 8.38 12.89
N SER A 21 -16.66 7.60 13.88
CA SER A 21 -16.61 8.08 15.24
C SER A 21 -15.22 7.99 15.85
N CYS A 22 -14.92 8.91 16.77
N CYS A 22 -14.92 8.91 16.76
CA CYS A 22 -13.63 8.94 17.47
CA CYS A 22 -13.65 8.91 17.49
C CYS A 22 -13.85 9.32 18.94
C CYS A 22 -13.86 9.31 18.94
N LYS A 23 -13.56 8.39 19.84
CA LYS A 23 -13.72 8.63 21.27
C LYS A 23 -12.40 8.88 21.97
N ALA A 24 -12.19 10.12 22.43
CA ALA A 24 -10.97 10.48 23.14
C ALA A 24 -11.03 10.05 24.60
N SER A 25 -9.87 9.81 25.20
CA SER A 25 -9.82 9.42 26.60
C SER A 25 -8.70 10.08 27.40
N GLY A 26 -9.01 10.41 28.65
CA GLY A 26 -8.03 10.82 29.62
C GLY A 26 -7.31 12.13 29.35
N TYR A 27 -7.98 13.09 28.72
CA TYR A 27 -7.33 14.37 28.51
C TYR A 27 -6.97 15.21 29.75
N THR A 28 -7.91 15.44 30.66
CA THR A 28 -9.32 15.12 30.51
C THR A 28 -10.06 16.41 30.74
N PHE A 29 -9.51 17.22 31.64
CA PHE A 29 -10.05 18.54 31.95
C PHE A 29 -9.36 19.59 31.08
N THR A 30 -8.32 19.18 30.37
CA THR A 30 -7.41 20.10 29.70
C THR A 30 -7.59 20.02 28.19
N GLU A 31 -8.72 20.53 27.72
CA GLU A 31 -9.26 20.10 26.43
C GLU A 31 -8.50 20.40 25.15
N TYR A 32 -8.97 19.76 24.09
CA TYR A 32 -8.12 19.34 22.99
C TYR A 32 -8.72 19.71 21.65
N PHE A 33 -7.86 19.77 20.64
CA PHE A 33 -8.34 19.88 19.28
C PHE A 33 -8.34 18.48 18.68
N ILE A 34 -9.32 18.20 17.83
CA ILE A 34 -9.36 16.94 17.12
C ILE A 34 -9.07 17.20 15.64
N HIS A 35 -8.14 16.43 15.09
CA HIS A 35 -7.78 16.53 13.69
C HIS A 35 -8.20 15.26 12.98
N TRP A 36 -8.59 15.38 11.72
CA TRP A 36 -8.91 14.21 10.91
C TRP A 36 -7.99 14.16 9.70
N VAL A 37 -7.53 12.96 9.37
CA VAL A 37 -6.52 12.79 8.34
C VAL A 37 -6.90 11.61 7.43
N LYS A 38 -6.70 11.78 6.12
CA LYS A 38 -7.06 10.77 5.15
C LYS A 38 -5.82 10.12 4.52
N GLN A 39 -5.83 8.81 4.37
CA GLN A 39 -4.74 8.10 3.71
C GLN A 39 -5.28 7.04 2.75
N ARG A 40 -5.21 7.32 1.45
CA ARG A 40 -5.63 6.34 0.46
C ARG A 40 -4.64 5.19 0.39
N SER A 41 -5.12 4.02 0.00
CA SER A 41 -4.32 2.80 -0.04
C SER A 41 -2.99 3.00 -0.76
N GLY A 42 -1.90 2.73 -0.04
CA GLY A 42 -0.56 2.90 -0.58
C GLY A 42 -0.14 4.34 -0.83
N GLN A 43 -0.88 5.30 -0.29
CA GLN A 43 -0.58 6.70 -0.52
C GLN A 43 -0.14 7.43 0.75
N GLY A 44 0.15 8.72 0.62
CA GLY A 44 0.59 9.51 1.76
C GLY A 44 -0.58 10.04 2.58
N LEU A 45 -0.30 11.01 3.45
CA LEU A 45 -1.29 11.52 4.40
C LEU A 45 -1.86 12.88 3.96
N GLU A 46 -3.15 13.08 4.20
CA GLU A 46 -3.81 14.33 3.79
C GLU A 46 -4.71 14.88 4.89
N TRP A 47 -4.50 16.13 5.27
CA TRP A 47 -5.25 16.75 6.37
C TRP A 47 -6.65 17.19 5.95
N ILE A 48 -7.66 16.69 6.64
CA ILE A 48 -9.05 17.03 6.36
C ILE A 48 -9.47 18.33 7.09
N GLY A 49 -9.17 18.41 8.38
CA GLY A 49 -9.54 19.57 9.17
C GLY A 49 -9.43 19.37 10.67
N TRP A 50 -9.72 20.42 11.43
CA TRP A 50 -9.77 20.29 12.89
C TRP A 50 -11.15 20.60 13.48
N PHE A 51 -11.40 20.04 14.66
CA PHE A 51 -12.64 20.27 15.38
C PHE A 51 -12.29 20.51 16.84
N TYR A 52 -12.91 21.51 17.44
CA TYR A 52 -12.65 21.85 18.83
C TYR A 52 -13.88 21.60 19.69
N PRO A 53 -13.96 20.43 20.34
CA PRO A 53 -15.14 20.02 21.10
C PRO A 53 -15.56 21.00 22.19
N GLY A 54 -14.60 21.80 22.67
CA GLY A 54 -14.88 22.77 23.71
C GLY A 54 -15.85 23.87 23.31
N SER A 55 -15.92 24.17 22.01
CA SER A 55 -16.82 25.22 21.54
C SER A 55 -17.61 24.78 20.32
N GLY A 56 -17.17 23.71 19.68
CA GLY A 56 -17.77 23.25 18.45
C GLY A 56 -17.20 23.95 17.23
N SER A 57 -16.21 24.81 17.47
CA SER A 57 -15.54 25.51 16.38
C SER A 57 -14.84 24.48 15.50
N LEU A 58 -14.63 24.83 14.25
CA LEU A 58 -14.00 23.89 13.31
C LEU A 58 -13.33 24.61 12.15
N ASN A 59 -12.60 23.86 11.34
CA ASN A 59 -11.90 24.41 10.19
C ASN A 59 -11.60 23.29 9.22
N TYR A 60 -12.06 23.43 7.98
CA TYR A 60 -11.85 22.40 6.96
C TYR A 60 -10.77 22.80 5.98
N ASN A 61 -9.96 21.84 5.57
CA ASN A 61 -9.16 21.99 4.38
C ASN A 61 -10.11 22.28 3.23
N GLY A 62 -9.84 23.33 2.46
CA GLY A 62 -10.70 23.73 1.35
C GLY A 62 -11.05 22.58 0.44
N LYS A 63 -10.13 21.63 0.29
CA LYS A 63 -10.35 20.47 -0.56
C LYS A 63 -11.49 19.59 -0.04
N PHE A 64 -11.74 19.64 1.28
CA PHE A 64 -12.76 18.76 1.88
C PHE A 64 -14.02 19.48 2.31
N LYS A 65 -14.09 20.77 1.99
CA LYS A 65 -15.14 21.61 2.57
C LYS A 65 -16.55 21.16 2.21
N ASP A 66 -16.71 20.48 1.07
CA ASP A 66 -18.04 20.00 0.69
C ASP A 66 -18.20 18.49 0.93
N LYS A 67 -17.16 17.86 1.47
CA LYS A 67 -17.15 16.41 1.63
C LYS A 67 -17.29 16.02 3.11
N ALA A 68 -16.61 16.77 3.98
CA ALA A 68 -16.52 16.41 5.39
C ALA A 68 -17.40 17.27 6.28
N THR A 69 -17.94 16.66 7.33
CA THR A 69 -18.71 17.40 8.33
C THR A 69 -18.36 16.90 9.74
N PHE A 70 -17.82 17.79 10.57
CA PHE A 70 -17.43 17.41 11.91
C PHE A 70 -18.59 17.71 12.87
N THR A 71 -18.92 16.77 13.74
CA THR A 71 -19.85 17.01 14.85
C THR A 71 -19.37 16.30 16.11
N ALA A 72 -20.08 16.48 17.21
CA ALA A 72 -19.69 15.91 18.49
C ALA A 72 -20.86 15.45 19.35
N ASP A 73 -20.52 14.64 20.35
CA ASP A 73 -21.44 14.22 21.41
C ASP A 73 -20.69 14.34 22.73
N LYS A 74 -21.07 15.32 23.55
CA LYS A 74 -20.37 15.59 24.80
C LYS A 74 -20.60 14.48 25.82
N SER A 75 -21.81 13.93 25.82
CA SER A 75 -22.16 12.84 26.72
C SER A 75 -21.18 11.69 26.58
N SER A 76 -20.80 11.38 25.35
CA SER A 76 -19.97 10.22 25.08
C SER A 76 -18.49 10.58 24.85
N SER A 77 -18.17 11.88 24.94
CA SER A 77 -16.82 12.36 24.66
C SER A 77 -16.35 11.86 23.28
N THR A 78 -17.28 11.87 22.33
CA THR A 78 -17.06 11.32 21.02
C THR A 78 -17.29 12.37 19.93
N VAL A 79 -16.35 12.45 18.99
CA VAL A 79 -16.51 13.34 17.85
C VAL A 79 -16.70 12.52 16.58
N TYR A 80 -17.30 13.15 15.58
CA TYR A 80 -17.72 12.43 14.39
C TYR A 80 -17.20 13.08 13.10
N LEU A 81 -16.94 12.24 12.11
CA LEU A 81 -16.64 12.71 10.78
C LEU A 81 -17.67 12.10 9.85
N GLU A 82 -18.45 12.95 9.20
CA GLU A 82 -19.38 12.49 8.18
C GLU A 82 -18.88 12.81 6.79
N LEU A 83 -18.85 11.79 5.94
CA LEU A 83 -18.47 11.95 4.56
C LEU A 83 -19.70 11.68 3.71
N SER A 84 -20.01 12.62 2.80
CA SER A 84 -21.24 12.54 2.03
C SER A 84 -20.97 12.36 0.54
N ARG A 85 -22.01 11.95 -0.19
CA ARG A 85 -21.93 11.77 -1.65
C ARG A 85 -20.70 10.96 -2.03
N LEU A 86 -20.59 9.79 -1.39
CA LEU A 86 -19.38 8.98 -1.48
C LEU A 86 -19.05 8.52 -2.89
N THR A 87 -17.80 8.70 -3.28
CA THR A 87 -17.28 8.11 -4.50
C THR A 87 -16.13 7.19 -4.17
N SER A 88 -15.62 6.52 -5.20
CA SER A 88 -14.46 5.66 -5.06
C SER A 88 -13.26 6.41 -4.47
N GLU A 89 -13.19 7.72 -4.75
CA GLU A 89 -12.08 8.55 -4.28
C GLU A 89 -12.06 8.72 -2.76
N ASP A 90 -13.18 8.40 -2.12
CA ASP A 90 -13.30 8.54 -0.67
C ASP A 90 -12.87 7.28 0.05
N SER A 91 -12.66 6.20 -0.70
CA SER A 91 -12.17 4.95 -0.09
C SER A 91 -10.77 5.24 0.44
N ALA A 92 -10.55 4.94 1.71
CA ALA A 92 -9.31 5.30 2.40
C ALA A 92 -9.40 4.89 3.85
N VAL A 93 -8.28 5.03 4.56
CA VAL A 93 -8.29 4.98 6.01
C VAL A 93 -8.37 6.41 6.52
N TYR A 94 -9.23 6.65 7.49
CA TYR A 94 -9.37 7.96 8.09
C TYR A 94 -8.90 7.90 9.53
N PHE A 95 -7.94 8.74 9.87
CA PHE A 95 -7.38 8.77 11.21
C PHE A 95 -7.91 9.96 11.99
N CYS A 96 -8.09 9.74 13.29
N CYS A 96 -8.15 9.77 13.28
CA CYS A 96 -8.41 10.80 14.24
CA CYS A 96 -8.40 10.92 14.13
C CYS A 96 -7.16 11.06 15.07
C CYS A 96 -7.19 11.08 15.05
N ALA A 97 -6.86 12.33 15.34
CA ALA A 97 -5.73 12.68 16.20
C ALA A 97 -6.08 13.87 17.08
N SER A 98 -5.63 13.81 18.33
CA SER A 98 -5.98 14.85 19.29
C SER A 98 -4.72 15.49 19.84
N HIS A 99 -4.87 16.70 20.37
CA HIS A 99 -3.78 17.37 21.04
C HIS A 99 -4.26 18.58 21.84
N ALA A 100 -3.73 18.75 23.05
CA ALA A 100 -3.99 19.94 23.84
C ALA A 100 -3.12 21.07 23.31
N TYR A 101 -3.40 22.30 23.76
CA TYR A 101 -2.65 23.47 23.31
C TYR A 101 -1.16 23.31 23.56
N ASP A 102 -0.38 23.51 22.50
CA ASP A 102 1.07 23.38 22.54
C ASP A 102 1.53 22.04 23.16
N LYS A 103 0.90 20.95 22.74
CA LYS A 103 1.26 19.63 23.24
C LYS A 103 1.25 18.60 22.12
N GLU A 104 2.05 17.55 22.30
CA GLU A 104 2.20 16.49 21.28
C GLU A 104 0.89 15.76 20.99
N PRO A 105 0.67 15.41 19.71
CA PRO A 105 -0.56 14.73 19.30
C PRO A 105 -0.58 13.24 19.65
N TYR A 106 -1.79 12.69 19.75
CA TYR A 106 -2.01 11.26 19.90
C TYR A 106 -2.97 10.83 18.80
N TRP A 107 -2.70 9.69 18.18
CA TRP A 107 -3.45 9.25 17.00
C TRP A 107 -4.30 8.03 17.27
N GLY A 108 -5.47 7.98 16.64
CA GLY A 108 -6.32 6.80 16.71
C GLY A 108 -5.79 5.71 15.81
N GLN A 109 -6.46 4.55 15.82
CA GLN A 109 -6.01 3.41 15.03
C GLN A 109 -6.46 3.50 13.57
N GLY A 110 -7.30 4.47 13.24
CA GLY A 110 -7.78 4.62 11.88
C GLY A 110 -9.04 3.80 11.59
N THR A 111 -9.89 4.33 10.72
CA THR A 111 -11.09 3.62 10.29
C THR A 111 -11.08 3.43 8.79
N LEU A 112 -11.18 2.18 8.34
CA LEU A 112 -11.18 1.89 6.92
C LEU A 112 -12.56 2.11 6.30
N VAL A 113 -12.61 2.90 5.24
CA VAL A 113 -13.84 3.12 4.50
C VAL A 113 -13.67 2.61 3.09
N THR A 114 -14.52 1.67 2.67
CA THR A 114 -14.51 1.21 1.29
C THR A 114 -15.79 1.60 0.56
N VAL A 115 -15.65 2.39 -0.49
CA VAL A 115 -16.81 2.78 -1.30
C VAL A 115 -16.92 1.92 -2.56
N SER A 116 -17.95 1.08 -2.61
CA SER A 116 -18.15 0.20 -3.75
C SER A 116 -19.61 -0.26 -3.88
N ALA A 117 -20.05 -0.45 -5.12
CA ALA A 117 -21.40 -0.95 -5.37
C ALA A 117 -21.43 -2.47 -5.49
N ALA A 118 -20.25 -3.09 -5.50
CA ALA A 118 -20.13 -4.53 -5.72
C ALA A 118 -20.85 -5.37 -4.66
N LYS A 119 -21.19 -6.59 -5.03
CA LYS A 119 -21.76 -7.53 -4.08
C LYS A 119 -20.77 -8.66 -3.83
N THR A 120 -20.96 -9.38 -2.74
CA THR A 120 -20.08 -10.48 -2.36
C THR A 120 -19.97 -11.52 -3.48
N THR A 121 -18.73 -11.75 -3.93
CA THR A 121 -18.46 -12.61 -5.08
C THR A 121 -17.23 -13.46 -4.80
N PRO A 122 -17.37 -14.79 -4.90
CA PRO A 122 -16.21 -15.64 -4.64
C PRO A 122 -15.22 -15.57 -5.81
N PRO A 123 -13.94 -15.84 -5.55
CA PRO A 123 -12.93 -15.74 -6.61
C PRO A 123 -12.97 -16.91 -7.59
N SER A 124 -12.63 -16.66 -8.84
CA SER A 124 -12.28 -17.73 -9.78
C SER A 124 -10.79 -17.99 -9.58
N VAL A 125 -10.42 -19.26 -9.50
CA VAL A 125 -9.03 -19.59 -9.22
C VAL A 125 -8.43 -20.41 -10.35
N TYR A 126 -7.38 -19.86 -10.97
CA TYR A 126 -6.79 -20.48 -12.14
C TYR A 126 -5.34 -20.87 -11.91
N PRO A 127 -4.95 -22.08 -12.37
CA PRO A 127 -3.56 -22.53 -12.26
C PRO A 127 -2.66 -21.78 -13.22
N LEU A 128 -1.44 -21.48 -12.78
CA LEU A 128 -0.42 -20.94 -13.67
C LEU A 128 0.68 -21.98 -13.82
N ALA A 129 0.74 -22.62 -14.98
CA ALA A 129 1.74 -23.64 -15.23
C ALA A 129 2.54 -23.26 -16.46
N PRO A 130 3.85 -23.55 -16.47
CA PRO A 130 4.70 -23.11 -17.57
C PRO A 130 4.34 -23.75 -18.92
N GLY A 131 4.49 -22.97 -19.99
CA GLY A 131 4.36 -23.48 -21.33
C GLY A 131 5.58 -24.32 -21.71
N ASN A 137 15.80 -24.89 -16.00
CA ASN A 137 16.78 -24.61 -14.96
C ASN A 137 16.62 -25.55 -13.77
N SER A 138 17.27 -25.21 -12.66
CA SER A 138 17.17 -26.03 -11.46
C SER A 138 15.89 -25.71 -10.65
N MET A 139 15.30 -24.53 -10.91
CA MET A 139 14.06 -24.15 -10.23
C MET A 139 12.95 -24.01 -11.26
N VAL A 140 11.71 -24.20 -10.81
CA VAL A 140 10.56 -23.94 -11.64
C VAL A 140 9.59 -23.05 -10.85
N THR A 141 9.00 -22.07 -11.53
CA THR A 141 8.04 -21.19 -10.88
C THR A 141 6.64 -21.54 -11.36
N LEU A 142 5.74 -21.72 -10.41
CA LEU A 142 4.36 -22.03 -10.70
C LEU A 142 3.58 -20.90 -10.05
N GLY A 143 2.27 -20.90 -10.24
CA GLY A 143 1.45 -19.90 -9.57
C GLY A 143 -0.04 -20.16 -9.65
N CYS A 144 -0.81 -19.24 -9.09
N CYS A 144 -0.82 -19.27 -9.06
CA CYS A 144 -2.26 -19.27 -9.16
CA CYS A 144 -2.26 -19.31 -9.32
C CYS A 144 -2.79 -17.84 -9.38
C CYS A 144 -2.84 -17.90 -9.34
N LEU A 145 -3.80 -17.72 -10.24
CA LEU A 145 -4.42 -16.43 -10.47
C LEU A 145 -5.79 -16.43 -9.80
N VAL A 146 -6.00 -15.45 -8.92
CA VAL A 146 -7.22 -15.36 -8.12
C VAL A 146 -7.99 -14.15 -8.58
N LYS A 147 -9.09 -14.38 -9.29
CA LYS A 147 -9.68 -13.33 -10.09
C LYS A 147 -11.16 -13.11 -9.83
N GLY A 148 -11.57 -11.85 -9.80
CA GLY A 148 -12.97 -11.50 -9.79
C GLY A 148 -13.69 -11.68 -8.47
N TYR A 149 -13.06 -11.32 -7.36
CA TYR A 149 -13.72 -11.48 -6.07
C TYR A 149 -13.99 -10.15 -5.35
N PHE A 150 -14.90 -10.21 -4.39
CA PHE A 150 -15.25 -9.06 -3.54
C PHE A 150 -15.96 -9.57 -2.30
N PRO A 151 -15.61 -9.03 -1.12
CA PRO A 151 -14.57 -8.02 -0.89
C PRO A 151 -13.24 -8.67 -0.51
N GLU A 152 -12.25 -7.85 -0.20
CA GLU A 152 -11.04 -8.35 0.41
C GLU A 152 -11.37 -8.82 1.83
N PRO A 153 -10.57 -9.73 2.38
CA PRO A 153 -9.37 -10.35 1.80
C PRO A 153 -9.64 -11.75 1.27
N VAL A 154 -8.64 -12.31 0.60
CA VAL A 154 -8.55 -13.74 0.40
C VAL A 154 -7.26 -14.17 1.10
N THR A 155 -7.20 -15.44 1.46
CA THR A 155 -5.99 -16.04 2.00
C THR A 155 -5.52 -17.11 1.04
N VAL A 156 -4.29 -16.99 0.56
CA VAL A 156 -3.70 -18.00 -0.31
C VAL A 156 -2.63 -18.78 0.44
N THR A 157 -2.67 -20.10 0.32
CA THR A 157 -1.60 -20.94 0.82
C THR A 157 -1.21 -21.94 -0.24
N TRP A 158 -0.08 -22.61 -0.04
CA TRP A 158 0.36 -23.65 -0.94
C TRP A 158 0.54 -24.95 -0.16
N ASN A 159 0.05 -26.05 -0.73
CA ASN A 159 0.01 -27.34 -0.05
C ASN A 159 -0.52 -27.23 1.38
N SER A 160 -1.63 -26.51 1.52
CA SER A 160 -2.25 -26.24 2.81
C SER A 160 -1.30 -25.59 3.83
N GLY A 161 -0.27 -24.92 3.34
CA GLY A 161 0.65 -24.22 4.22
C GLY A 161 1.99 -24.88 4.43
N SER A 162 2.12 -26.14 4.03
CA SER A 162 3.38 -26.86 4.20
C SER A 162 4.45 -26.36 3.22
N LEU A 163 4.00 -25.65 2.20
CA LEU A 163 4.90 -25.03 1.25
C LEU A 163 4.84 -23.52 1.45
N SER A 164 5.90 -22.93 1.98
CA SER A 164 5.88 -21.51 2.31
C SER A 164 7.13 -20.73 1.86
N SER A 165 8.26 -21.42 1.71
CA SER A 165 9.45 -20.78 1.19
C SER A 165 9.27 -20.51 -0.31
N GLY A 166 9.88 -19.44 -0.80
CA GLY A 166 9.86 -19.12 -2.22
C GLY A 166 8.50 -18.72 -2.75
N VAL A 167 7.64 -18.21 -1.87
CA VAL A 167 6.30 -17.76 -2.28
C VAL A 167 6.22 -16.23 -2.34
N HIS A 168 5.60 -15.71 -3.40
CA HIS A 168 5.22 -14.30 -3.41
C HIS A 168 3.73 -14.18 -3.70
N THR A 169 2.96 -13.73 -2.71
CA THR A 169 1.54 -13.51 -2.92
C THR A 169 1.37 -12.00 -3.03
N PHE A 170 0.90 -11.55 -4.19
CA PHE A 170 0.92 -10.12 -4.51
C PHE A 170 -0.32 -9.40 -3.98
N PRO A 171 -0.17 -8.10 -3.63
CA PRO A 171 -1.33 -7.31 -3.19
C PRO A 171 -2.43 -7.31 -4.24
N ALA A 172 -3.67 -7.39 -3.80
CA ALA A 172 -4.81 -7.40 -4.70
C ALA A 172 -4.96 -6.05 -5.39
N VAL A 173 -5.52 -6.08 -6.60
CA VAL A 173 -5.76 -4.87 -7.39
C VAL A 173 -7.20 -4.91 -7.91
N LEU A 174 -7.79 -3.74 -8.10
CA LEU A 174 -9.14 -3.63 -8.68
C LEU A 174 -9.17 -3.89 -10.18
N GLN A 175 -10.02 -4.84 -10.59
CA GLN A 175 -10.25 -5.11 -12.01
C GLN A 175 -11.74 -5.04 -12.26
N SER A 176 -12.15 -4.04 -13.05
CA SER A 176 -13.53 -3.56 -13.09
C SER A 176 -13.87 -3.05 -11.68
N ASP A 177 -14.81 -3.72 -11.03
CA ASP A 177 -15.16 -3.42 -9.65
C ASP A 177 -14.93 -4.64 -8.78
N LEU A 178 -14.11 -5.56 -9.25
CA LEU A 178 -13.75 -6.76 -8.49
C LEU A 178 -12.24 -6.82 -8.26
N TYR A 179 -11.81 -7.65 -7.33
CA TYR A 179 -10.39 -7.74 -7.01
C TYR A 179 -9.73 -8.92 -7.71
N THR A 180 -8.45 -8.77 -8.00
CA THR A 180 -7.64 -9.85 -8.58
C THR A 180 -6.27 -9.82 -7.93
N LEU A 181 -5.72 -11.01 -7.65
CA LEU A 181 -4.33 -11.12 -7.22
C LEU A 181 -3.71 -12.37 -7.81
N SER A 182 -2.41 -12.50 -7.66
CA SER A 182 -1.70 -13.70 -8.07
C SER A 182 -0.73 -14.13 -6.98
N SER A 183 -0.34 -15.40 -7.00
CA SER A 183 0.65 -15.90 -6.08
C SER A 183 1.59 -16.75 -6.88
N SER A 184 2.90 -16.57 -6.71
CA SER A 184 3.87 -17.42 -7.37
C SER A 184 4.57 -18.27 -6.33
N VAL A 185 4.98 -19.49 -6.72
CA VAL A 185 5.78 -20.33 -5.85
C VAL A 185 6.88 -20.98 -6.69
N THR A 186 8.07 -21.06 -6.12
CA THR A 186 9.23 -21.61 -6.82
C THR A 186 9.82 -22.77 -6.04
N VAL A 187 9.91 -23.92 -6.71
CA VAL A 187 10.43 -25.14 -6.11
C VAL A 187 11.47 -25.74 -7.04
N PRO A 188 12.30 -26.67 -6.53
CA PRO A 188 13.26 -27.32 -7.41
C PRO A 188 12.56 -28.07 -8.55
N SER A 189 13.08 -27.93 -9.77
CA SER A 189 12.50 -28.53 -10.97
C SER A 189 12.33 -30.05 -10.85
N SER A 190 13.27 -30.69 -10.17
CA SER A 190 13.23 -32.15 -10.03
C SER A 190 12.06 -32.63 -9.18
N THR A 191 11.43 -31.70 -8.46
CA THR A 191 10.40 -32.08 -7.49
C THR A 191 8.97 -31.83 -7.98
N TRP A 192 8.84 -31.33 -9.21
CA TRP A 192 7.53 -31.12 -9.80
C TRP A 192 7.54 -31.66 -11.24
N PRO A 193 6.50 -32.40 -11.63
CA PRO A 193 5.24 -32.67 -10.91
C PRO A 193 5.28 -33.81 -9.89
N SER A 194 6.43 -34.41 -9.64
CA SER A 194 6.48 -35.62 -8.80
C SER A 194 5.96 -35.36 -7.39
N GLU A 195 6.34 -34.23 -6.81
CA GLU A 195 5.83 -33.87 -5.50
C GLU A 195 4.84 -32.71 -5.65
N THR A 196 3.56 -33.03 -5.54
CA THR A 196 2.50 -32.14 -6.04
C THR A 196 2.48 -30.77 -5.40
N VAL A 197 2.00 -29.80 -6.17
CA VAL A 197 1.88 -28.43 -5.70
C VAL A 197 0.47 -27.96 -5.97
N THR A 198 -0.19 -27.45 -4.93
CA THR A 198 -1.59 -27.10 -4.99
C THR A 198 -1.81 -25.77 -4.27
N CYS A 199 -2.44 -24.81 -4.92
N CYS A 199 -2.51 -24.86 -4.93
CA CYS A 199 -2.75 -23.59 -4.21
CA CYS A 199 -2.88 -23.56 -4.38
C CYS A 199 -4.12 -23.72 -3.56
C CYS A 199 -4.19 -23.70 -3.60
N ASN A 200 -4.27 -23.12 -2.39
CA ASN A 200 -5.55 -23.11 -1.67
C ASN A 200 -5.97 -21.67 -1.44
N VAL A 201 -7.21 -21.37 -1.79
CA VAL A 201 -7.70 -20.00 -1.71
C VAL A 201 -8.95 -19.92 -0.84
N ALA A 202 -8.84 -19.22 0.27
CA ALA A 202 -9.98 -19.03 1.17
C ALA A 202 -10.53 -17.63 1.00
N HIS A 203 -11.84 -17.54 0.83
CA HIS A 203 -12.54 -16.27 0.82
C HIS A 203 -13.60 -16.32 1.90
N PRO A 204 -13.29 -15.75 3.08
CA PRO A 204 -14.18 -15.80 4.25
C PRO A 204 -15.57 -15.24 3.97
N ALA A 205 -15.62 -14.11 3.26
CA ALA A 205 -16.88 -13.40 3.02
C ALA A 205 -17.88 -14.21 2.21
N SER A 206 -17.40 -15.13 1.38
CA SER A 206 -18.27 -15.96 0.55
C SER A 206 -18.33 -17.36 1.14
N SER A 207 -17.64 -17.55 2.26
CA SER A 207 -17.54 -18.84 2.92
C SER A 207 -17.04 -19.94 1.99
N THR A 208 -16.08 -19.59 1.14
CA THR A 208 -15.54 -20.54 0.17
C THR A 208 -14.05 -20.82 0.37
N LYS A 209 -13.66 -22.04 0.02
CA LYS A 209 -12.27 -22.44 0.02
C LYS A 209 -12.08 -23.44 -1.10
N VAL A 210 -11.22 -23.09 -2.06
CA VAL A 210 -11.02 -23.98 -3.20
C VAL A 210 -9.55 -24.34 -3.37
N ASP A 211 -9.33 -25.53 -3.91
CA ASP A 211 -7.99 -26.00 -4.18
C ASP A 211 -7.78 -26.09 -5.69
N LYS A 212 -6.58 -25.73 -6.12
CA LYS A 212 -6.21 -25.91 -7.52
C LYS A 212 -4.83 -26.50 -7.62
N LYS A 213 -4.78 -27.79 -7.96
CA LYS A 213 -3.52 -28.48 -8.17
C LYS A 213 -2.89 -27.97 -9.45
N ILE A 214 -1.59 -27.67 -9.41
CA ILE A 214 -0.90 -27.24 -10.62
C ILE A 214 -0.35 -28.46 -11.35
N VAL A 215 -0.88 -28.72 -12.53
CA VAL A 215 -0.42 -29.86 -13.33
C VAL A 215 0.22 -29.40 -14.63
N PRO A 216 1.20 -30.17 -15.14
CA PRO A 216 1.86 -29.82 -16.39
C PRO A 216 0.88 -29.65 -17.55
N ARG A 217 1.15 -28.69 -18.42
CA ARG A 217 0.27 -28.46 -19.55
C ARG A 217 0.43 -29.56 -20.61
N ASP A 218 -0.60 -29.78 -21.41
CA ASP A 218 -0.52 -30.78 -22.47
C ASP A 218 0.38 -30.30 -23.61
N ASP B 1 -1.39 27.43 0.33
CA ASP B 1 -1.04 26.39 1.30
C ASP B 1 0.47 26.26 1.40
N VAL B 2 0.94 25.74 2.53
CA VAL B 2 2.36 25.45 2.68
C VAL B 2 2.64 24.11 2.02
N LEU B 3 3.57 24.10 1.07
CA LEU B 3 3.96 22.85 0.43
C LEU B 3 5.17 22.30 1.17
N MET B 4 5.09 21.05 1.61
CA MET B 4 6.24 20.40 2.25
C MET B 4 6.89 19.45 1.25
N THR B 5 8.15 19.72 0.91
CA THR B 5 8.88 18.90 -0.05
C THR B 5 9.85 17.98 0.67
N GLN B 6 9.55 16.69 0.67
CA GLN B 6 10.32 15.71 1.43
C GLN B 6 11.21 14.89 0.50
N THR B 7 12.50 14.83 0.82
CA THR B 7 13.50 14.12 0.02
C THR B 7 14.39 13.26 0.92
N PRO B 8 14.78 12.07 0.44
CA PRO B 8 14.40 11.51 -0.86
C PRO B 8 13.15 10.66 -0.72
N LEU B 9 12.52 10.31 -1.84
CA LEU B 9 11.35 9.43 -1.80
C LEU B 9 11.73 8.06 -1.24
N SER B 10 12.93 7.59 -1.61
CA SER B 10 13.41 6.30 -1.14
C SER B 10 14.83 6.44 -0.59
N LEU B 11 15.07 5.81 0.55
CA LEU B 11 16.40 5.87 1.17
C LEU B 11 16.88 4.48 1.58
N PRO B 12 17.65 3.83 0.69
CA PRO B 12 18.26 2.54 1.03
C PRO B 12 19.45 2.73 1.96
N VAL B 13 19.52 1.95 3.03
CA VAL B 13 20.65 2.04 3.92
C VAL B 13 21.03 0.63 4.35
N SER B 14 22.21 0.50 4.96
CA SER B 14 22.59 -0.75 5.60
C SER B 14 22.35 -0.55 7.09
N LEU B 15 22.05 -1.64 7.79
CA LEU B 15 21.89 -1.59 9.23
C LEU B 15 23.15 -1.01 9.86
N GLY B 16 22.98 -0.09 10.81
CA GLY B 16 24.12 0.56 11.44
C GLY B 16 24.54 1.86 10.78
N ASP B 17 24.04 2.11 9.58
CA ASP B 17 24.36 3.34 8.85
C ASP B 17 23.70 4.57 9.47
N GLN B 18 24.14 5.72 8.99
CA GLN B 18 23.56 7.01 9.34
CA GLN B 18 23.56 7.01 9.34
C GLN B 18 22.52 7.37 8.29
N ALA B 19 21.31 7.68 8.72
CA ALA B 19 20.27 8.08 7.77
C ALA B 19 19.87 9.53 8.00
N SER B 20 19.66 10.24 6.89
CA SER B 20 19.24 11.64 6.97
C SER B 20 18.06 11.90 6.02
N ILE B 21 16.96 12.37 6.58
CA ILE B 21 15.75 12.67 5.80
C ILE B 21 15.43 14.15 5.93
N SER B 22 15.12 14.81 4.82
CA SER B 22 14.86 16.23 4.94
C SER B 22 13.50 16.68 4.42
N CYS B 23 13.14 17.89 4.78
N CYS B 23 13.08 17.85 4.86
CA CYS B 23 11.82 18.43 4.53
CA CYS B 23 11.80 18.43 4.48
C CYS B 23 11.93 19.94 4.32
C CYS B 23 11.96 19.92 4.30
N ARG B 24 11.50 20.43 3.17
CA ARG B 24 11.56 21.85 2.88
C ARG B 24 10.17 22.46 2.75
N SER B 25 9.92 23.53 3.49
CA SER B 25 8.63 24.23 3.40
C SER B 25 8.68 25.33 2.35
N SER B 26 7.58 25.50 1.62
CA SER B 26 7.51 26.50 0.55
C SER B 26 7.47 27.93 1.13
N GLN B 27 7.11 28.05 2.39
CA GLN B 27 7.18 29.34 3.07
C GLN B 27 7.51 29.08 4.54
N SER B 28 7.75 30.14 5.30
CA SER B 28 8.09 29.97 6.71
C SER B 28 6.92 29.33 7.46
N ILE B 29 7.24 28.53 8.46
CA ILE B 29 6.21 27.87 9.27
C ILE B 29 6.38 28.21 10.74
N VAL B 30 6.64 29.48 11.02
CA VAL B 30 6.65 29.94 12.40
C VAL B 30 5.24 30.33 12.78
N HIS B 31 4.68 29.63 13.75
CA HIS B 31 3.35 29.90 14.26
C HIS B 31 3.35 31.29 14.91
N SER B 32 2.17 31.92 14.96
CA SER B 32 1.99 33.21 15.64
C SER B 32 2.58 33.23 17.06
N ASN B 33 2.45 32.11 17.77
CA ASN B 33 2.92 32.04 19.16
C ASN B 33 4.42 31.90 19.30
N GLY B 34 5.13 31.87 18.16
CA GLY B 34 6.58 31.83 18.16
C GLY B 34 7.20 30.45 17.95
N ASN B 35 6.39 29.41 18.11
CA ASN B 35 6.87 28.03 17.95
C ASN B 35 6.79 27.59 16.50
N THR B 36 7.67 26.65 16.13
CA THR B 36 7.63 26.07 14.80
C THR B 36 7.13 24.64 14.95
N TYR B 37 5.93 24.38 14.46
CA TYR B 37 5.33 23.07 14.63
C TYR B 37 5.65 22.17 13.44
N LEU B 38 6.82 21.56 13.50
CA LEU B 38 7.26 20.58 12.52
C LEU B 38 7.41 19.26 13.26
N GLU B 39 6.69 18.25 12.79
CA GLU B 39 6.70 16.93 13.40
C GLU B 39 7.21 15.86 12.43
N TRP B 40 7.81 14.80 12.97
CA TRP B 40 8.23 13.65 12.17
C TRP B 40 7.57 12.37 12.66
N TYR B 41 7.03 11.59 11.74
CA TYR B 41 6.35 10.35 12.06
C TYR B 41 6.99 9.17 11.33
N LEU B 42 6.94 8.00 11.97
CA LEU B 42 7.27 6.76 11.29
C LEU B 42 6.00 5.91 11.17
N GLN B 43 5.72 5.42 9.97
CA GLN B 43 4.55 4.55 9.81
C GLN B 43 4.88 3.15 9.24
N LYS B 44 4.46 2.12 9.96
CA LYS B 44 4.62 0.70 9.56
C LYS B 44 3.32 0.11 9.02
N PRO B 45 3.40 -0.90 8.12
CA PRO B 45 2.25 -1.25 7.29
C PRO B 45 1.05 -1.63 8.12
N GLY B 46 -0.12 -1.18 7.70
CA GLY B 46 -1.34 -1.46 8.43
C GLY B 46 -1.38 -0.81 9.80
N GLN B 47 -0.47 0.12 10.06
CA GLN B 47 -0.42 0.78 11.36
C GLN B 47 -0.55 2.30 11.27
N SER B 48 -0.98 2.90 12.37
CA SER B 48 -1.09 4.35 12.43
C SER B 48 0.29 4.95 12.57
N PRO B 49 0.49 6.18 12.05
CA PRO B 49 1.77 6.86 12.19
C PRO B 49 2.14 7.03 13.65
N LYS B 50 3.41 6.89 13.97
CA LYS B 50 3.86 7.07 15.34
C LYS B 50 4.79 8.27 15.42
N LEU B 51 4.55 9.15 16.39
CA LEU B 51 5.29 10.38 16.50
C LEU B 51 6.73 10.15 16.98
N LEU B 52 7.69 10.76 16.28
CA LEU B 52 9.09 10.66 16.67
C LEU B 52 9.63 11.99 17.21
N ILE B 53 9.37 13.06 16.46
CA ILE B 53 9.88 14.38 16.79
C ILE B 53 8.77 15.39 16.68
N TYR B 54 8.71 16.35 17.61
CA TYR B 54 7.74 17.43 17.54
C TYR B 54 8.47 18.76 17.78
N LYS B 55 7.89 19.85 17.27
CA LYS B 55 8.52 21.17 17.38
C LYS B 55 9.98 21.13 16.93
N VAL B 56 10.20 20.53 15.77
CA VAL B 56 11.48 20.50 15.07
C VAL B 56 12.52 19.56 15.70
N SER B 57 12.70 19.64 17.01
CA SER B 57 13.89 19.06 17.62
C SER B 57 13.59 18.26 18.87
N ASN B 58 12.32 18.20 19.27
CA ASN B 58 11.98 17.55 20.53
C ASN B 58 11.57 16.10 20.36
N ARG B 59 12.32 15.22 21.00
CA ARG B 59 12.07 13.79 20.90
C ARG B 59 10.85 13.40 21.74
N PHE B 60 9.92 12.69 21.13
CA PHE B 60 8.74 12.22 21.85
C PHE B 60 9.14 11.11 22.81
N SER B 61 8.52 11.09 24.00
CA SER B 61 8.92 10.17 25.05
C SER B 61 8.84 8.71 24.60
N GLY B 62 9.87 7.94 24.89
CA GLY B 62 9.92 6.53 24.52
C GLY B 62 10.60 6.31 23.18
N VAL B 63 10.86 7.40 22.45
CA VAL B 63 11.58 7.32 21.20
C VAL B 63 13.07 7.28 21.53
N PRO B 64 13.79 6.28 20.98
CA PRO B 64 15.22 6.14 21.27
C PRO B 64 16.00 7.38 20.84
N ASP B 65 17.13 7.63 21.46
CA ASP B 65 17.84 8.88 21.20
C ASP B 65 18.69 8.85 19.94
N ARG B 66 18.66 7.74 19.22
CA ARG B 66 19.31 7.72 17.94
C ARG B 66 18.56 8.59 16.92
N PHE B 67 17.32 8.90 17.23
CA PHE B 67 16.51 9.83 16.42
C PHE B 67 16.69 11.27 16.88
N SER B 68 17.01 12.17 15.96
CA SER B 68 17.07 13.59 16.30
C SER B 68 16.60 14.48 15.15
N GLY B 69 16.00 15.61 15.48
CA GLY B 69 15.53 16.55 14.49
C GLY B 69 16.14 17.92 14.67
N SER B 70 16.29 18.64 13.57
CA SER B 70 16.80 20.00 13.60
C SER B 70 16.28 20.75 12.39
N GLY B 71 16.72 22.00 12.23
CA GLY B 71 16.33 22.78 11.07
C GLY B 71 15.84 24.17 11.42
N SER B 72 15.68 25.02 10.41
CA SER B 72 15.26 26.40 10.62
C SER B 72 14.76 27.01 9.33
N GLY B 73 13.92 28.03 9.46
CA GLY B 73 13.36 28.70 8.31
C GLY B 73 12.55 27.72 7.50
N THR B 74 13.13 27.25 6.40
CA THR B 74 12.39 26.39 5.50
C THR B 74 13.06 25.03 5.27
N ASP B 75 14.13 24.75 6.01
CA ASP B 75 14.84 23.48 5.85
C ASP B 75 14.87 22.71 7.16
N PHE B 76 14.38 21.47 7.13
CA PHE B 76 14.28 20.64 8.33
C PHE B 76 14.80 19.21 8.07
N THR B 77 15.45 18.62 9.07
CA THR B 77 16.13 17.34 8.86
C THR B 77 15.91 16.39 10.03
N LEU B 78 15.54 15.16 9.70
CA LEU B 78 15.50 14.08 10.67
C LEU B 78 16.76 13.24 10.49
N LYS B 79 17.41 12.86 11.58
CA LYS B 79 18.60 12.02 11.50
C LYS B 79 18.44 10.78 12.36
N ILE B 80 18.91 9.66 11.81
CA ILE B 80 18.87 8.40 12.52
C ILE B 80 20.28 7.87 12.64
N ASN B 81 20.80 7.80 13.87
CA ASN B 81 22.11 7.21 14.12
C ASN B 81 22.01 5.71 14.21
N ARG B 82 22.79 5.00 13.41
CA ARG B 82 22.87 3.54 13.50
C ARG B 82 21.51 2.90 13.30
N VAL B 83 21.06 2.89 12.05
CA VAL B 83 19.74 2.35 11.69
C VAL B 83 19.57 0.91 12.13
N GLU B 84 18.43 0.63 12.77
CA GLU B 84 18.08 -0.72 13.15
C GLU B 84 16.89 -1.17 12.31
N ALA B 85 16.60 -2.47 12.34
CA ALA B 85 15.54 -3.05 11.53
C ALA B 85 14.19 -2.44 11.87
N GLU B 86 13.97 -2.15 13.16
CA GLU B 86 12.70 -1.60 13.61
C GLU B 86 12.52 -0.13 13.21
N ASP B 87 13.51 0.42 12.51
CA ASP B 87 13.44 1.79 12.02
C ASP B 87 12.90 1.82 10.60
N LEU B 88 12.78 0.66 9.96
CA LEU B 88 12.41 0.61 8.55
C LEU B 88 10.90 0.85 8.36
N GLY B 89 10.55 1.59 7.31
CA GLY B 89 9.17 1.99 7.08
C GLY B 89 9.12 3.34 6.39
N ILE B 90 7.98 4.01 6.46
CA ILE B 90 7.84 5.31 5.78
C ILE B 90 7.76 6.48 6.75
N TYR B 91 8.57 7.49 6.47
CA TYR B 91 8.70 8.68 7.33
C TYR B 91 7.98 9.85 6.70
N TYR B 92 7.21 10.58 7.51
CA TYR B 92 6.52 11.77 7.03
C TYR B 92 6.80 12.96 7.92
N CYS B 93 6.97 14.12 7.30
N CYS B 93 6.99 14.13 7.31
CA CYS B 93 7.03 15.37 8.04
CA CYS B 93 7.01 15.36 8.07
C CYS B 93 5.67 16.05 7.96
C CYS B 93 5.65 15.99 7.99
N LEU B 94 5.32 16.83 8.98
CA LEU B 94 4.04 17.50 9.01
C LEU B 94 4.26 18.87 9.63
N GLN B 95 3.83 19.91 8.91
CA GLN B 95 3.82 21.25 9.50
C GLN B 95 2.47 21.52 10.14
N GLY B 96 2.48 22.00 11.38
CA GLY B 96 1.25 22.30 12.08
C GLY B 96 1.11 23.78 12.43
N SER B 97 1.83 24.62 11.71
CA SER B 97 1.87 26.04 12.07
C SER B 97 0.79 26.87 11.37
N HIS B 98 0.52 26.57 10.11
CA HIS B 98 -0.43 27.34 9.31
C HIS B 98 -1.42 26.41 8.63
N VAL B 99 -2.71 26.66 8.82
CA VAL B 99 -3.73 25.85 8.17
C VAL B 99 -3.83 26.20 6.68
N PRO B 100 -4.13 25.22 5.82
CA PRO B 100 -4.32 23.81 6.18
C PRO B 100 -3.01 23.13 6.55
N LEU B 101 -3.05 22.23 7.52
CA LEU B 101 -1.88 21.46 7.89
C LEU B 101 -1.49 20.59 6.70
N THR B 102 -0.19 20.44 6.46
CA THR B 102 0.29 19.75 5.26
C THR B 102 1.44 18.78 5.56
N PHE B 103 1.43 17.65 4.86
CA PHE B 103 2.42 16.59 5.04
C PHE B 103 3.41 16.57 3.89
N GLY B 104 4.62 16.07 4.15
CA GLY B 104 5.55 15.76 3.08
C GLY B 104 5.07 14.49 2.41
N ALA B 105 5.58 14.17 1.22
CA ALA B 105 5.11 12.99 0.48
C ALA B 105 5.65 11.68 1.05
N GLY B 106 6.61 11.75 1.97
CA GLY B 106 7.11 10.56 2.62
C GLY B 106 8.46 10.07 2.12
N THR B 107 9.14 9.32 2.97
CA THR B 107 10.43 8.73 2.63
C THR B 107 10.40 7.29 3.08
N THR B 108 10.64 6.36 2.16
CA THR B 108 10.74 4.97 2.55
C THR B 108 12.18 4.66 2.95
N LEU B 109 12.37 4.23 4.19
CA LEU B 109 13.66 3.75 4.65
C LEU B 109 13.72 2.24 4.44
N GLU B 110 14.57 1.80 3.52
CA GLU B 110 14.68 0.37 3.23
C GLU B 110 16.13 -0.10 3.11
N LEU B 111 16.32 -1.40 2.90
CA LEU B 111 17.65 -1.99 2.99
C LEU B 111 18.39 -2.07 1.67
N LYS B 112 19.70 -1.84 1.75
CA LYS B 112 20.59 -1.91 0.62
C LYS B 112 20.99 -3.36 0.39
N ARG B 113 21.20 -3.74 -0.87
CA ARG B 113 21.81 -5.01 -1.18
C ARG B 113 22.40 -4.95 -2.59
N ALA B 114 23.08 -6.02 -3.00
CA ALA B 114 23.62 -6.09 -4.35
C ALA B 114 22.50 -6.08 -5.39
N ASP B 115 22.77 -5.46 -6.54
CA ASP B 115 21.81 -5.45 -7.64
C ASP B 115 21.49 -6.88 -8.06
N ALA B 116 20.26 -7.11 -8.48
CA ALA B 116 19.85 -8.43 -8.94
C ALA B 116 18.82 -8.28 -10.05
N ALA B 117 19.06 -8.97 -11.16
CA ALA B 117 18.14 -8.92 -12.27
C ALA B 117 16.89 -9.72 -11.90
N PRO B 118 15.74 -9.35 -12.47
CA PRO B 118 14.53 -10.10 -12.12
C PRO B 118 14.55 -11.49 -12.74
N THR B 119 13.97 -12.45 -12.03
CA THR B 119 13.68 -13.75 -12.61
C THR B 119 12.30 -13.66 -13.25
N VAL B 120 12.25 -13.75 -14.57
CA VAL B 120 11.04 -13.47 -15.32
C VAL B 120 10.36 -14.74 -15.82
N SER B 121 9.10 -14.94 -15.44
CA SER B 121 8.34 -16.10 -15.89
C SER B 121 7.01 -15.68 -16.52
N ILE B 122 6.66 -16.28 -17.65
CA ILE B 122 5.41 -15.97 -18.35
C ILE B 122 4.49 -17.19 -18.37
N PHE B 123 3.18 -16.97 -18.23
CA PHE B 123 2.22 -18.07 -18.15
C PHE B 123 1.02 -17.83 -19.04
N PRO B 124 0.68 -18.82 -19.88
CA PRO B 124 -0.49 -18.74 -20.77
C PRO B 124 -1.77 -18.82 -19.94
N PRO B 125 -2.91 -18.47 -20.56
CA PRO B 125 -4.20 -18.66 -19.90
C PRO B 125 -4.43 -20.14 -19.59
N SER B 126 -5.12 -20.43 -18.48
CA SER B 126 -5.51 -21.80 -18.17
C SER B 126 -6.70 -22.18 -19.03
N SER B 127 -6.89 -23.48 -19.26
CA SER B 127 -8.06 -23.96 -19.98
C SER B 127 -9.32 -23.62 -19.20
N GLU B 128 -9.20 -23.63 -17.87
CA GLU B 128 -10.33 -23.27 -17.00
C GLU B 128 -10.82 -21.85 -17.31
N GLN B 129 -9.90 -20.90 -17.48
CA GLN B 129 -10.30 -19.54 -17.81
C GLN B 129 -10.83 -19.42 -19.23
N LEU B 130 -10.19 -20.09 -20.17
CA LEU B 130 -10.61 -20.08 -21.57
C LEU B 130 -12.05 -20.57 -21.71
N THR B 131 -12.39 -21.63 -20.99
CA THR B 131 -13.74 -22.18 -21.03
C THR B 131 -14.80 -21.16 -20.55
N SER B 132 -14.39 -20.26 -19.66
CA SER B 132 -15.29 -19.21 -19.19
C SER B 132 -15.27 -17.98 -20.10
N GLY B 133 -14.44 -18.03 -21.13
CA GLY B 133 -14.42 -16.96 -22.13
C GLY B 133 -13.40 -15.86 -21.88
N GLY B 134 -12.52 -16.06 -20.90
CA GLY B 134 -11.48 -15.09 -20.61
C GLY B 134 -10.08 -15.62 -20.91
N ALA B 135 -9.11 -14.72 -20.93
CA ALA B 135 -7.74 -15.10 -21.27
C ALA B 135 -6.73 -14.15 -20.64
N SER B 136 -6.18 -14.55 -19.50
CA SER B 136 -5.16 -13.76 -18.83
C SER B 136 -3.78 -14.35 -19.05
N VAL B 137 -2.82 -13.50 -19.42
CA VAL B 137 -1.44 -13.90 -19.52
C VAL B 137 -0.73 -13.25 -18.34
N VAL B 138 0.00 -14.05 -17.58
CA VAL B 138 0.59 -13.54 -16.35
C VAL B 138 2.10 -13.57 -16.46
N CYS B 139 2.73 -12.48 -16.02
N CYS B 139 2.74 -12.48 -16.06
CA CYS B 139 4.18 -12.40 -15.99
CA CYS B 139 4.18 -12.43 -15.95
C CYS B 139 4.65 -12.09 -14.56
C CYS B 139 4.61 -12.12 -14.52
N PHE B 140 5.51 -12.94 -14.01
CA PHE B 140 6.13 -12.67 -12.70
C PHE B 140 7.53 -12.16 -12.94
N LEU B 141 7.89 -11.09 -12.24
CA LEU B 141 9.22 -10.53 -12.31
C LEU B 141 9.73 -10.55 -10.88
N ASN B 142 10.45 -11.61 -10.52
CA ASN B 142 10.72 -11.91 -9.12
C ASN B 142 12.14 -11.65 -8.65
N ASN B 143 12.23 -11.16 -7.41
CA ASN B 143 13.49 -11.13 -6.67
C ASN B 143 14.55 -10.25 -7.31
N PHE B 144 14.19 -9.00 -7.56
CA PHE B 144 15.12 -8.06 -8.17
C PHE B 144 15.50 -6.93 -7.23
N TYR B 145 16.59 -6.25 -7.56
CA TYR B 145 17.08 -5.08 -6.82
C TYR B 145 17.94 -4.24 -7.77
N PRO B 146 17.74 -2.91 -7.77
CA PRO B 146 16.84 -2.13 -6.92
C PRO B 146 15.37 -2.19 -7.35
N LYS B 147 14.53 -1.47 -6.61
CA LYS B 147 13.07 -1.62 -6.71
C LYS B 147 12.43 -1.12 -8.00
N ASP B 148 13.10 -0.22 -8.71
CA ASP B 148 12.48 0.36 -9.89
C ASP B 148 12.54 -0.59 -11.08
N ILE B 149 11.42 -0.71 -11.78
CA ILE B 149 11.32 -1.65 -12.88
C ILE B 149 10.17 -1.25 -13.79
N ASN B 150 10.29 -1.62 -15.06
CA ASN B 150 9.27 -1.38 -16.09
CA ASN B 150 9.18 -1.42 -15.98
C ASN B 150 8.86 -2.69 -16.75
N VAL B 151 7.57 -2.84 -17.07
CA VAL B 151 7.14 -4.00 -17.84
C VAL B 151 6.42 -3.55 -19.11
N LYS B 152 6.72 -4.21 -20.22
CA LYS B 152 6.08 -3.93 -21.50
C LYS B 152 5.51 -5.20 -22.11
N TRP B 153 4.26 -5.13 -22.52
CA TRP B 153 3.62 -6.26 -23.18
C TRP B 153 3.52 -6.08 -24.70
N LYS B 154 3.89 -7.13 -25.44
CA LYS B 154 3.73 -7.13 -26.89
C LYS B 154 2.86 -8.29 -27.33
N ILE B 155 1.95 -8.02 -28.26
CA ILE B 155 1.13 -9.06 -28.88
C ILE B 155 1.47 -9.10 -30.35
N ASP B 156 2.07 -10.20 -30.79
CA ASP B 156 2.55 -10.34 -32.15
C ASP B 156 3.48 -9.17 -32.52
N GLY B 157 4.35 -8.82 -31.58
CA GLY B 157 5.36 -7.78 -31.82
C GLY B 157 4.90 -6.35 -31.59
N SER B 158 3.60 -6.16 -31.39
CA SER B 158 3.06 -4.81 -31.22
C SER B 158 2.70 -4.50 -29.77
N GLU B 159 3.22 -3.38 -29.27
CA GLU B 159 3.05 -2.99 -27.87
C GLU B 159 1.59 -2.87 -27.46
N ARG B 160 1.25 -3.39 -26.29
CA ARG B 160 -0.11 -3.42 -25.79
C ARG B 160 -0.21 -2.71 -24.46
N GLN B 161 -1.21 -1.84 -24.31
CA GLN B 161 -1.33 -1.06 -23.07
C GLN B 161 -2.61 -1.39 -22.28
N ASN B 162 -3.73 -1.49 -22.98
CA ASN B 162 -5.02 -1.74 -22.33
C ASN B 162 -5.16 -3.16 -21.79
N GLY B 163 -5.76 -3.27 -20.61
CA GLY B 163 -6.00 -4.57 -19.99
C GLY B 163 -4.84 -5.12 -19.18
N VAL B 164 -3.89 -4.24 -18.83
CA VAL B 164 -2.72 -4.64 -18.05
C VAL B 164 -2.85 -4.17 -16.60
N LEU B 165 -2.72 -5.08 -15.66
CA LEU B 165 -2.74 -4.72 -14.25
C LEU B 165 -1.48 -5.22 -13.52
N ASN B 166 -0.88 -4.34 -12.74
CA ASN B 166 0.38 -4.63 -12.09
C ASN B 166 0.28 -4.61 -10.58
N SER B 167 1.08 -5.42 -9.92
CA SER B 167 1.16 -5.42 -8.47
C SER B 167 2.61 -5.61 -8.01
N TRP B 168 2.96 -4.99 -6.89
CA TRP B 168 4.32 -4.98 -6.38
C TRP B 168 4.35 -5.40 -4.92
N THR B 169 5.33 -6.22 -4.55
CA THR B 169 5.52 -6.57 -3.16
C THR B 169 6.40 -5.52 -2.48
N ASP B 170 6.31 -5.45 -1.17
CA ASP B 170 7.24 -4.65 -0.39
C ASP B 170 8.57 -5.40 -0.30
N GLN B 171 9.62 -4.72 0.16
CA GLN B 171 10.94 -5.35 0.24
C GLN B 171 10.91 -6.65 1.05
N ASP B 172 11.52 -7.69 0.51
CA ASP B 172 11.52 -8.98 1.17
C ASP B 172 12.31 -8.91 2.47
N SER B 173 11.74 -9.46 3.55
CA SER B 173 12.36 -9.35 4.87
C SER B 173 13.62 -10.20 5.04
N LYS B 174 13.85 -11.13 4.11
CA LYS B 174 14.99 -12.04 4.22
C LYS B 174 16.11 -11.77 3.22
N ASP B 175 15.78 -11.50 1.96
CA ASP B 175 16.81 -11.26 0.96
C ASP B 175 16.83 -9.84 0.37
N SER B 176 15.99 -8.97 0.92
CA SER B 176 15.95 -7.56 0.54
C SER B 176 15.66 -7.30 -0.95
N THR B 177 15.05 -8.26 -1.63
CA THR B 177 14.67 -8.06 -3.02
C THR B 177 13.23 -7.58 -3.14
N TYR B 178 12.84 -7.22 -4.36
CA TYR B 178 11.47 -6.83 -4.66
C TYR B 178 10.93 -7.75 -5.76
N SER B 179 9.61 -7.84 -5.85
CA SER B 179 8.97 -8.64 -6.90
C SER B 179 7.77 -7.92 -7.48
N MET B 180 7.43 -8.27 -8.71
CA MET B 180 6.33 -7.65 -9.41
C MET B 180 5.51 -8.68 -10.16
N SER B 181 4.19 -8.46 -10.22
CA SER B 181 3.32 -9.29 -11.04
C SER B 181 2.63 -8.42 -12.08
N SER B 182 2.58 -8.89 -13.32
CA SER B 182 1.91 -8.18 -14.38
C SER B 182 0.97 -9.10 -15.14
N THR B 183 -0.29 -8.71 -15.23
CA THR B 183 -1.31 -9.55 -15.86
C THR B 183 -2.00 -8.82 -17.02
N LEU B 184 -1.89 -9.41 -18.22
CA LEU B 184 -2.61 -8.91 -19.39
C LEU B 184 -3.91 -9.71 -19.53
N THR B 185 -5.04 -9.05 -19.35
CA THR B 185 -6.31 -9.77 -19.48
C THR B 185 -7.05 -9.43 -20.79
N LEU B 186 -7.26 -10.45 -21.60
CA LEU B 186 -7.96 -10.31 -22.87
C LEU B 186 -9.22 -11.15 -22.82
N THR B 187 -10.07 -10.99 -23.83
CA THR B 187 -11.17 -11.93 -24.02
C THR B 187 -10.61 -13.11 -24.79
N LYS B 188 -11.26 -14.27 -24.69
CA LYS B 188 -10.84 -15.42 -25.47
C LYS B 188 -10.86 -15.09 -26.95
N ASP B 189 -11.93 -14.41 -27.40
CA ASP B 189 -12.09 -14.01 -28.79
C ASP B 189 -10.84 -13.31 -29.32
N GLU B 190 -10.35 -12.31 -28.58
N GLU B 190 -10.36 -12.29 -28.59
CA GLU B 190 -9.16 -11.59 -29.01
CA GLU B 190 -9.14 -11.58 -29.01
C GLU B 190 -7.86 -12.39 -28.83
C GLU B 190 -7.89 -12.44 -28.87
N TYR B 191 -7.78 -13.15 -27.74
CA TYR B 191 -6.61 -13.99 -27.49
C TYR B 191 -6.38 -15.01 -28.61
N GLU B 192 -7.46 -15.58 -29.13
CA GLU B 192 -7.34 -16.59 -30.18
C GLU B 192 -6.95 -16.00 -31.55
N ARG B 193 -7.01 -14.68 -31.69
CA ARG B 193 -6.70 -14.06 -32.98
C ARG B 193 -5.23 -13.71 -33.15
N HIS B 194 -4.45 -13.90 -32.09
CA HIS B 194 -3.02 -13.61 -32.13
C HIS B 194 -2.19 -14.82 -31.71
N ASN B 195 -0.89 -14.80 -32.03
CA ASN B 195 -0.01 -15.94 -31.75
C ASN B 195 0.98 -15.67 -30.64
N SER B 196 1.74 -14.58 -30.79
CA SER B 196 2.87 -14.34 -29.91
C SER B 196 2.53 -13.38 -28.78
N TYR B 197 2.82 -13.81 -27.56
CA TYR B 197 2.61 -12.98 -26.38
C TYR B 197 3.92 -12.84 -25.64
N THR B 198 4.26 -11.61 -25.32
CA THR B 198 5.59 -11.28 -24.86
C THR B 198 5.53 -10.28 -23.71
N CYS B 199 6.31 -10.56 -22.68
N CYS B 199 6.24 -10.55 -22.64
CA CYS B 199 6.47 -9.69 -21.52
CA CYS B 199 6.40 -9.52 -21.63
C CYS B 199 7.94 -9.23 -21.45
C CYS B 199 7.88 -9.20 -21.50
N GLU B 200 8.16 -7.92 -21.41
CA GLU B 200 9.54 -7.40 -21.41
C GLU B 200 9.83 -6.61 -20.17
N ALA B 201 10.88 -7.02 -19.44
CA ALA B 201 11.28 -6.33 -18.22
C ALA B 201 12.50 -5.45 -18.46
N THR B 202 12.40 -4.16 -18.14
CA THR B 202 13.58 -3.30 -18.13
C THR B 202 13.95 -2.87 -16.71
N HIS B 203 15.21 -3.09 -16.38
CA HIS B 203 15.71 -2.94 -15.03
C HIS B 203 17.15 -2.46 -15.14
N LYS B 204 17.65 -1.78 -14.10
CA LYS B 204 18.99 -1.19 -14.14
C LYS B 204 20.12 -2.20 -14.42
N THR B 205 19.86 -3.48 -14.17
CA THR B 205 20.89 -4.50 -14.38
C THR B 205 21.30 -4.69 -15.84
N SER B 206 20.54 -4.11 -16.77
CA SER B 206 20.89 -4.15 -18.19
C SER B 206 20.15 -3.10 -19.02
N THR B 207 20.75 -2.70 -20.13
CA THR B 207 20.12 -1.76 -21.05
C THR B 207 19.16 -2.46 -21.99
N SER B 208 19.34 -3.76 -22.16
CA SER B 208 18.41 -4.57 -22.96
C SER B 208 17.40 -5.27 -22.06
N PRO B 209 16.12 -5.28 -22.47
CA PRO B 209 15.08 -5.92 -21.67
C PRO B 209 15.23 -7.43 -21.57
N ILE B 210 14.78 -7.99 -20.44
CA ILE B 210 14.62 -9.44 -20.33
C ILE B 210 13.27 -9.79 -20.94
N VAL B 211 13.30 -10.65 -21.94
CA VAL B 211 12.11 -10.94 -22.73
C VAL B 211 11.66 -12.38 -22.55
N LYS B 212 10.39 -12.57 -22.18
CA LYS B 212 9.82 -13.90 -22.13
C LYS B 212 8.59 -13.93 -23.01
N SER B 213 8.40 -15.04 -23.70
CA SER B 213 7.28 -15.15 -24.60
C SER B 213 6.78 -16.57 -24.70
N PHE B 214 5.58 -16.71 -25.26
CA PHE B 214 5.11 -18.00 -25.70
C PHE B 214 4.26 -17.78 -26.94
N ASN B 215 4.10 -18.85 -27.71
CA ASN B 215 3.19 -18.79 -28.84
C ASN B 215 1.98 -19.64 -28.51
N ARG B 216 0.79 -19.12 -28.80
CA ARG B 216 -0.46 -19.85 -28.59
C ARG B 216 -0.37 -21.12 -29.42
N ASN B 217 0.53 -21.05 -30.39
CA ASN B 217 1.01 -22.12 -31.26
C ASN B 217 0.41 -22.08 -32.65
#